data_5TZ6
#
_entry.id   5TZ6
#
_cell.length_a   47.550
_cell.length_b   70.584
_cell.length_c   176.018
_cell.angle_alpha   90.000
_cell.angle_beta   90.000
_cell.angle_gamma   90.000
#
_symmetry.space_group_name_H-M   'P 21 21 21'
#
loop_
_entity.id
_entity.type
_entity.pdbx_description
1 polymer CurJ
2 non-polymer '(2E,5R)-5-hydroxy-2-methylhept-2-enoic acid'
3 water water
#
_entity_poly.entity_id   1
_entity_poly.type   'polypeptide(L)'
_entity_poly.pdbx_seq_one_letter_code
;SNASTTKLHPLINQKFQSPLSKEIFFESYFSTENLPFLADFIVYEQVVVPGASHISLLLAAASLTFAATECQIEDILFPQ
ALAIPEQGVRTVQVVLTPQNNSFSFQVISFDDSLESQINQVSNNGSHISDWAVHATGKLSVANAEQSLIPLEEIQARCSQ
KIDSAEIYQHLWDRQIHLGQSFRWIEQVWLGEGEVLCQMKVPKTILNTTKYQLHPTLVDSCFQSIIALVLDQSGNKNETF
VPFSIDKFTFYNSSDNDLLWCYTCGSKDKQSGEKFKADIQLFDQHGQLVAQVIGFEGRKANPKILLMT
;
_entity_poly.pdbx_strand_id   A,B
#
loop_
_chem_comp.id
_chem_comp.type
_chem_comp.name
_chem_comp.formula
7OD non-polymer '(2E,5R)-5-hydroxy-2-methylhept-2-enoic acid' 'C8 H14 O3'
#
# COMPACT_ATOMS: atom_id res chain seq x y z
N THR A 6 13.32 4.65 1.48
CA THR A 6 11.93 5.01 1.21
C THR A 6 11.02 4.59 2.37
N LYS A 7 11.05 5.39 3.42
CA LYS A 7 10.25 5.17 4.63
C LYS A 7 9.47 6.44 4.92
N LEU A 8 8.14 6.34 4.90
CA LEU A 8 7.33 7.54 5.10
C LEU A 8 7.50 8.08 6.50
N HIS A 9 7.68 7.21 7.48
CA HIS A 9 7.77 7.56 8.89
C HIS A 9 8.41 6.36 9.56
N PRO A 10 9.33 6.54 10.51
CA PRO A 10 10.02 5.38 11.09
C PRO A 10 9.06 4.28 11.55
N LEU A 11 7.80 4.64 11.77
CA LEU A 11 6.78 3.69 12.21
C LEU A 11 5.86 3.24 11.07
N ILE A 12 6.01 3.78 9.87
CA ILE A 12 5.06 3.54 8.80
C ILE A 12 5.83 3.29 7.51
N ASN A 13 5.69 2.09 6.94
CA ASN A 13 6.43 1.79 5.73
C ASN A 13 5.74 2.35 4.49
N GLN A 14 4.44 2.12 4.33
CA GLN A 14 3.79 2.66 3.14
C GLN A 14 2.38 3.11 3.49
N LYS A 15 1.87 4.03 2.68
CA LYS A 15 0.50 4.49 2.74
C LYS A 15 -0.20 4.14 1.43
N PHE A 16 -1.47 3.74 1.54
CA PHE A 16 -2.24 3.40 0.35
C PHE A 16 -3.63 3.99 0.44
N GLN A 17 -4.05 4.62 -0.65
CA GLN A 17 -5.44 5.01 -0.83
C GLN A 17 -5.76 4.96 -2.32
N SER A 18 -7.06 4.89 -2.61
CA SER A 18 -7.55 4.65 -3.96
C SER A 18 -8.91 5.30 -4.15
N PRO A 19 -9.19 5.86 -5.33
CA PRO A 19 -10.53 6.35 -5.62
C PRO A 19 -11.62 5.30 -5.44
N LEU A 20 -11.23 4.02 -5.45
CA LEU A 20 -12.16 2.90 -5.33
C LEU A 20 -12.18 2.32 -3.92
N SER A 21 -11.68 3.06 -2.94
CA SER A 21 -11.69 2.62 -1.55
C SER A 21 -12.08 3.79 -0.66
N LYS A 22 -13.05 3.58 0.23
CA LYS A 22 -13.42 4.63 1.17
C LYS A 22 -12.43 4.75 2.33
N GLU A 23 -11.69 3.69 2.65
CA GLU A 23 -10.72 3.75 3.74
C GLU A 23 -9.34 4.18 3.23
N ILE A 24 -8.56 4.75 4.14
CA ILE A 24 -7.14 5.03 3.92
C ILE A 24 -6.33 4.07 4.77
N PHE A 25 -5.26 3.52 4.20
CA PHE A 25 -4.49 2.49 4.86
C PHE A 25 -3.06 2.95 5.08
N PHE A 26 -2.51 2.61 6.25
CA PHE A 26 -1.08 2.70 6.50
C PHE A 26 -0.56 1.33 6.93
N GLU A 27 0.61 0.97 6.41
CA GLU A 27 1.16 -0.36 6.59
C GLU A 27 2.59 -0.27 7.10
N SER A 28 2.89 -1.14 8.05
CA SER A 28 4.11 -1.09 8.85
C SER A 28 4.48 -2.52 9.23
N TYR A 29 5.76 -2.79 9.35
CA TYR A 29 6.26 -4.14 9.62
C TYR A 29 6.94 -4.15 10.99
N PHE A 30 6.24 -4.70 11.99
CA PHE A 30 6.67 -4.63 13.37
C PHE A 30 7.54 -5.84 13.72
N SER A 31 8.77 -5.55 14.16
CA SER A 31 9.74 -6.55 14.56
C SER A 31 10.86 -5.85 15.32
N THR A 32 11.61 -6.65 16.08
CA THR A 32 12.70 -6.09 16.86
C THR A 32 13.80 -5.53 15.96
N GLU A 33 13.99 -6.12 14.78
CA GLU A 33 15.00 -5.61 13.86
C GLU A 33 14.61 -4.25 13.29
N ASN A 34 13.33 -4.09 12.90
CA ASN A 34 12.89 -2.81 12.34
C ASN A 34 12.74 -1.75 13.44
N LEU A 35 12.27 -2.16 14.61
CA LEU A 35 12.04 -1.26 15.73
C LEU A 35 12.79 -1.78 16.94
N PRO A 36 14.05 -1.38 17.12
CA PRO A 36 14.87 -2.00 18.17
C PRO A 36 14.30 -1.81 19.56
N PHE A 37 13.78 -0.62 19.88
CA PHE A 37 13.28 -0.37 21.23
C PHE A 37 12.17 -1.33 21.64
N LEU A 38 11.52 -1.98 20.67
CA LEU A 38 10.51 -2.98 21.01
C LEU A 38 11.07 -4.10 21.87
N ALA A 39 12.38 -4.36 21.77
CA ALA A 39 13.00 -5.38 22.58
C ALA A 39 13.12 -4.98 24.05
N ASP A 40 12.67 -3.78 24.42
CA ASP A 40 12.80 -3.28 25.78
C ASP A 40 11.49 -3.30 26.56
N PHE A 41 10.43 -3.84 25.99
CA PHE A 41 9.15 -3.96 26.67
C PHE A 41 8.81 -5.46 26.70
N ILE A 42 9.22 -6.12 27.79
CA ILE A 42 9.13 -7.58 27.90
C ILE A 42 8.07 -7.91 28.95
N VAL A 43 7.02 -8.62 28.54
CA VAL A 43 5.95 -9.03 29.46
C VAL A 43 5.95 -10.55 29.53
N TYR A 44 6.16 -11.10 30.72
CA TYR A 44 6.24 -12.55 30.89
C TYR A 44 7.11 -13.19 29.83
N GLU A 45 8.25 -12.55 29.52
CA GLU A 45 9.28 -13.02 28.59
C GLU A 45 8.90 -12.87 27.13
N GLN A 46 7.85 -12.12 26.80
CA GLN A 46 7.43 -11.94 25.42
C GLN A 46 7.60 -10.49 25.02
N VAL A 47 7.98 -10.27 23.76
CA VAL A 47 8.00 -8.91 23.23
C VAL A 47 6.56 -8.48 23.01
N VAL A 48 6.16 -7.38 23.63
CA VAL A 48 4.80 -6.87 23.57
C VAL A 48 4.85 -5.41 23.16
N VAL A 49 3.94 -5.03 22.26
CA VAL A 49 3.78 -3.64 21.85
C VAL A 49 2.70 -3.01 22.72
N PRO A 50 3.03 -2.05 23.57
CA PRO A 50 2.01 -1.42 24.41
C PRO A 50 1.10 -0.49 23.61
N GLY A 51 -0.06 -0.20 24.19
CA GLY A 51 -1.01 0.70 23.54
C GLY A 51 -0.39 2.04 23.17
N ALA A 52 0.38 2.62 24.09
CA ALA A 52 1.09 3.88 23.85
C ALA A 52 1.75 3.86 22.48
N SER A 53 2.31 2.72 22.10
CA SER A 53 2.93 2.60 20.80
C SER A 53 1.93 2.86 19.69
N HIS A 54 0.75 2.23 19.78
CA HIS A 54 -0.30 2.47 18.78
C HIS A 54 -0.71 3.94 18.75
N ILE A 55 -0.66 4.62 19.90
CA ILE A 55 -0.93 6.06 19.90
C ILE A 55 0.12 6.80 19.06
N SER A 56 1.39 6.49 19.31
CA SER A 56 2.45 7.11 18.51
C SER A 56 2.27 6.80 17.02
N LEU A 57 1.82 5.58 16.69
CA LEU A 57 1.59 5.19 15.31
C LEU A 57 0.48 6.02 14.67
N LEU A 58 -0.60 6.26 15.43
CA LEU A 58 -1.67 7.08 14.88
C LEU A 58 -1.23 8.52 14.72
N LEU A 59 -0.43 9.05 15.64
CA LEU A 59 0.12 10.38 15.41
C LEU A 59 0.91 10.42 14.11
N ALA A 60 1.67 9.36 13.82
CA ALA A 60 2.37 9.31 12.53
C ALA A 60 1.39 9.39 11.36
N ALA A 61 0.40 8.49 11.34
CA ALA A 61 -0.58 8.50 10.26
C ALA A 61 -1.20 9.89 10.10
N ALA A 62 -1.66 10.47 11.21
CA ALA A 62 -2.15 11.84 11.21
C ALA A 62 -1.18 12.77 10.50
N SER A 63 0.11 12.68 10.86
CA SER A 63 1.09 13.57 10.24
C SER A 63 1.21 13.32 8.75
N LEU A 64 0.81 12.14 8.27
CA LEU A 64 0.81 11.89 6.84
C LEU A 64 -0.53 12.16 6.18
N THR A 65 -1.55 12.58 6.93
CA THR A 65 -2.83 12.88 6.30
C THR A 65 -3.31 14.31 6.52
N PHE A 66 -3.17 14.84 7.72
CA PHE A 66 -3.59 16.22 7.97
C PHE A 66 -2.50 17.20 7.54
N ALA A 67 -2.92 18.43 7.26
CA ALA A 67 -1.94 19.49 7.00
C ALA A 67 -1.42 20.13 8.29
N ALA A 68 -2.23 20.14 9.34
CA ALA A 68 -1.86 20.77 10.60
C ALA A 68 -1.08 19.80 11.50
N THR A 69 -0.49 20.35 12.56
CA THR A 69 0.35 19.58 13.48
C THR A 69 -0.41 19.13 14.73
N GLU A 70 -1.32 19.94 15.24
CA GLU A 70 -2.10 19.57 16.41
C GLU A 70 -3.22 18.62 16.01
N CYS A 71 -3.36 17.52 16.74
CA CYS A 71 -4.47 16.62 16.48
C CYS A 71 -4.86 15.90 17.76
N GLN A 72 -5.99 15.20 17.70
CA GLN A 72 -6.56 14.57 18.87
C GLN A 72 -7.12 13.21 18.50
N ILE A 73 -6.93 12.26 19.41
CA ILE A 73 -7.43 10.90 19.32
C ILE A 73 -8.42 10.71 20.46
N GLU A 74 -9.63 10.27 20.15
CA GLU A 74 -10.70 10.23 21.14
C GLU A 74 -11.31 8.84 21.21
N ASP A 75 -11.87 8.53 22.38
CA ASP A 75 -12.53 7.26 22.64
C ASP A 75 -11.66 6.09 22.21
N ILE A 76 -10.44 6.07 22.72
CA ILE A 76 -9.47 5.02 22.41
C ILE A 76 -9.77 3.78 23.24
N LEU A 77 -9.77 2.62 22.60
CA LEU A 77 -9.81 1.34 23.30
C LEU A 77 -8.72 0.45 22.73
N PHE A 78 -8.24 -0.48 23.55
CA PHE A 78 -7.19 -1.44 23.18
C PHE A 78 -7.76 -2.85 23.29
N PRO A 79 -8.49 -3.32 22.27
CA PRO A 79 -9.17 -4.62 22.43
C PRO A 79 -8.25 -5.79 22.69
N GLN A 80 -7.06 -5.83 22.08
CA GLN A 80 -6.19 -7.00 22.15
C GLN A 80 -4.73 -6.55 22.06
N ALA A 81 -3.92 -7.01 22.99
CA ALA A 81 -2.50 -6.67 22.99
C ALA A 81 -1.79 -7.35 21.82
N LEU A 82 -0.77 -6.67 21.30
CA LEU A 82 0.04 -7.19 20.21
C LEU A 82 1.33 -7.77 20.77
N ALA A 83 1.56 -9.06 20.51
CA ALA A 83 2.79 -9.72 20.92
C ALA A 83 3.52 -10.22 19.69
N ILE A 84 4.84 -10.16 19.72
CA ILE A 84 5.64 -10.50 18.55
C ILE A 84 6.51 -11.71 18.88
N PRO A 85 6.27 -12.86 18.25
CA PRO A 85 7.11 -14.03 18.54
C PRO A 85 8.58 -13.74 18.28
N GLU A 86 9.43 -14.57 18.89
CA GLU A 86 10.86 -14.36 18.82
C GLU A 86 11.31 -14.33 17.37
N GLN A 87 12.04 -13.28 17.01
CA GLN A 87 12.52 -13.08 15.64
C GLN A 87 11.37 -13.06 14.64
N GLY A 88 10.14 -12.84 15.10
CA GLY A 88 9.00 -12.76 14.21
C GLY A 88 8.66 -11.34 13.80
N VAL A 89 7.87 -11.21 12.73
CA VAL A 89 7.48 -9.91 12.22
C VAL A 89 5.99 -9.95 11.92
N ARG A 90 5.25 -9.01 12.51
CA ARG A 90 3.81 -8.88 12.30
C ARG A 90 3.52 -7.68 11.42
N THR A 91 2.71 -7.88 10.38
CA THR A 91 2.21 -6.74 9.61
C THR A 91 1.14 -6.00 10.39
N VAL A 92 1.31 -4.68 10.52
CA VAL A 92 0.39 -3.82 11.24
C VAL A 92 -0.16 -2.78 10.28
N GLN A 93 -1.48 -2.60 10.29
CA GLN A 93 -2.15 -1.64 9.44
C GLN A 93 -2.99 -0.71 10.29
N VAL A 94 -2.99 0.56 9.92
CA VAL A 94 -3.94 1.55 10.39
C VAL A 94 -4.99 1.76 9.31
N VAL A 95 -6.24 1.61 9.67
CA VAL A 95 -7.36 1.72 8.75
C VAL A 95 -8.21 2.91 9.19
N LEU A 96 -8.32 3.90 8.32
CA LEU A 96 -9.03 5.14 8.58
C LEU A 96 -10.29 5.19 7.72
N THR A 97 -11.45 5.26 8.36
CA THR A 97 -12.73 5.40 7.69
C THR A 97 -13.17 6.84 7.82
N PRO A 98 -13.44 7.54 6.72
CA PRO A 98 -13.86 8.94 6.83
C PRO A 98 -15.18 9.07 7.57
N GLN A 99 -15.22 9.98 8.53
CA GLN A 99 -16.44 10.37 9.22
C GLN A 99 -16.64 11.86 8.99
N ASN A 100 -17.48 12.50 9.81
CA ASN A 100 -17.68 13.95 9.70
C ASN A 100 -16.47 14.67 10.28
N ASN A 101 -15.62 15.24 9.42
CA ASN A 101 -14.46 16.03 9.83
C ASN A 101 -13.56 15.23 10.79
N SER A 102 -13.45 13.93 10.56
CA SER A 102 -12.64 13.06 11.38
C SER A 102 -12.49 11.73 10.65
N PHE A 103 -11.75 10.80 11.26
CA PHE A 103 -11.61 9.43 10.79
C PHE A 103 -11.83 8.51 11.98
N SER A 104 -12.67 7.50 11.80
CA SER A 104 -12.65 6.38 12.72
C SER A 104 -11.47 5.49 12.35
N PHE A 105 -10.75 4.99 13.33
CA PHE A 105 -9.57 4.22 13.03
C PHE A 105 -9.62 2.88 13.73
N GLN A 106 -9.06 1.88 13.05
CA GLN A 106 -8.71 0.59 13.64
C GLN A 106 -7.25 0.30 13.34
N VAL A 107 -6.47 0.02 14.37
CA VAL A 107 -5.12 -0.51 14.24
C VAL A 107 -5.18 -2.02 14.45
N ILE A 108 -4.83 -2.76 13.39
CA ILE A 108 -4.91 -4.22 13.33
C ILE A 108 -3.55 -4.77 12.93
N SER A 109 -3.40 -6.09 13.07
CA SER A 109 -2.20 -6.78 12.62
C SER A 109 -2.52 -8.21 12.24
N PHE A 110 -1.58 -8.83 11.51
CA PHE A 110 -1.71 -10.19 11.02
C PHE A 110 -0.34 -10.67 10.57
N ASP A 111 -0.21 -12.00 10.44
CA ASP A 111 1.06 -12.62 10.07
C ASP A 111 1.11 -12.71 8.54
N ASP A 112 2.06 -11.99 7.94
CA ASP A 112 2.11 -11.90 6.48
C ASP A 112 2.59 -13.20 5.86
N SER A 113 3.56 -13.86 6.48
CA SER A 113 4.10 -15.12 5.98
C SER A 113 3.09 -16.22 6.28
N LEU A 114 2.43 -16.73 5.24
CA LEU A 114 1.41 -17.76 5.41
C LEU A 114 1.93 -19.14 5.00
N HIS A 127 -6.05 -15.23 0.41
CA HIS A 127 -5.83 -13.93 1.02
C HIS A 127 -5.61 -14.06 2.53
N ILE A 128 -6.03 -13.05 3.29
CA ILE A 128 -5.88 -13.01 4.73
C ILE A 128 -7.18 -13.43 5.39
N SER A 129 -7.07 -14.00 6.60
CA SER A 129 -8.26 -14.47 7.31
C SER A 129 -8.09 -14.36 8.82
N ASP A 130 -6.87 -14.56 9.31
CA ASP A 130 -6.57 -14.43 10.74
C ASP A 130 -5.94 -13.08 11.01
N TRP A 131 -6.54 -12.31 11.91
CA TRP A 131 -6.07 -10.96 12.20
C TRP A 131 -6.60 -10.52 13.55
N ALA A 132 -6.05 -9.43 14.06
CA ALA A 132 -6.36 -8.95 15.40
C ALA A 132 -6.48 -7.43 15.38
N VAL A 133 -7.36 -6.91 16.25
CA VAL A 133 -7.54 -5.48 16.44
C VAL A 133 -6.83 -5.06 17.71
N HIS A 134 -5.93 -4.08 17.60
CA HIS A 134 -5.16 -3.62 18.74
C HIS A 134 -5.55 -2.25 19.23
N ALA A 135 -6.19 -1.43 18.40
CA ALA A 135 -6.68 -0.16 18.94
C ALA A 135 -7.79 0.35 18.05
N THR A 136 -8.74 1.06 18.65
CA THR A 136 -9.83 1.65 17.90
C THR A 136 -10.09 3.03 18.45
N GLY A 137 -10.70 3.87 17.63
CA GLY A 137 -11.16 5.15 18.16
C GLY A 137 -11.39 6.15 17.04
N LYS A 138 -11.31 7.43 17.40
CA LYS A 138 -11.60 8.53 16.50
C LYS A 138 -10.41 9.47 16.43
N LEU A 139 -10.22 10.11 15.29
CA LEU A 139 -9.00 10.85 15.01
C LEU A 139 -9.35 12.10 14.22
N SER A 140 -8.95 13.26 14.72
CA SER A 140 -9.30 14.49 14.01
C SER A 140 -8.29 15.57 14.34
N VAL A 141 -8.32 16.64 13.54
CA VAL A 141 -7.46 17.77 13.81
C VAL A 141 -7.88 18.44 15.11
N ALA A 142 -6.96 19.18 15.70
CA ALA A 142 -7.25 19.94 16.90
C ALA A 142 -6.60 21.31 16.75
N ASN A 143 -6.81 22.15 17.74
CA ASN A 143 -6.25 23.49 17.79
C ASN A 143 -5.27 23.60 18.96
N ALA A 144 -4.47 24.67 18.91
CA ALA A 144 -3.48 24.90 19.96
C ALA A 144 -4.17 25.43 21.21
N GLU A 145 -3.59 25.10 22.37
CA GLU A 145 -4.20 25.45 23.65
C GLU A 145 -3.12 25.70 24.70
N GLN A 146 -2.00 26.27 24.29
CA GLN A 146 -0.82 26.32 25.14
C GLN A 146 -0.66 27.64 25.90
N SER A 147 -0.56 27.56 27.23
CA SER A 147 -0.65 26.29 27.96
C SER A 147 -1.24 26.48 29.39
N LEU A 148 -0.46 26.84 30.42
CA LEU A 148 0.96 27.20 30.37
C LEU A 148 1.52 27.69 31.72
N ILE A 149 1.64 26.85 32.74
CA ILE A 149 1.17 25.47 32.77
C ILE A 149 0.45 25.19 34.09
N PRO A 150 1.01 25.67 35.23
CA PRO A 150 2.25 26.40 35.54
C PRO A 150 3.32 25.53 36.22
N LEU A 151 4.56 25.60 35.76
CA LEU A 151 5.57 24.63 36.20
C LEU A 151 6.03 24.88 37.63
N GLU A 152 6.11 26.15 38.07
CA GLU A 152 6.56 26.41 39.43
C GLU A 152 5.42 26.24 40.44
N GLU A 153 4.19 26.62 40.08
CA GLU A 153 3.05 26.32 40.93
C GLU A 153 2.91 24.83 41.20
N ILE A 154 3.28 24.00 40.22
CA ILE A 154 3.13 22.56 40.39
C ILE A 154 4.27 22.00 41.24
N GLN A 155 5.48 22.51 41.06
CA GLN A 155 6.59 22.06 41.90
C GLN A 155 6.37 22.37 43.37
N ALA A 156 5.39 23.22 43.69
CA ALA A 156 5.05 23.53 45.08
C ALA A 156 4.09 22.51 45.67
N ARG A 157 3.10 22.06 44.89
CA ARG A 157 2.18 21.04 45.37
C ARG A 157 2.81 19.66 45.42
N CYS A 158 3.84 19.41 44.61
CA CYS A 158 4.49 18.11 44.53
C CYS A 158 5.90 18.27 45.05
N SER A 159 6.10 17.92 46.32
CA SER A 159 7.40 18.13 46.94
C SER A 159 8.00 16.90 47.62
N GLN A 160 7.30 15.77 47.64
CA GLN A 160 7.89 14.58 48.25
C GLN A 160 8.66 13.82 47.18
N LYS A 161 9.97 14.07 47.10
CA LYS A 161 10.80 13.34 46.16
C LYS A 161 10.81 11.85 46.46
N ILE A 162 10.71 11.03 45.42
CA ILE A 162 10.83 9.58 45.55
C ILE A 162 11.64 9.04 44.38
N ASP A 163 12.24 7.87 44.61
CA ASP A 163 13.16 7.27 43.66
C ASP A 163 12.41 6.66 42.50
N SER A 164 12.86 6.97 41.28
CA SER A 164 12.21 6.40 40.11
C SER A 164 12.25 4.88 40.12
N ALA A 165 13.22 4.29 40.82
CA ALA A 165 13.36 2.85 40.81
C ALA A 165 12.10 2.17 41.34
N GLU A 166 11.43 2.82 42.30
CA GLU A 166 10.20 2.27 42.85
C GLU A 166 9.18 2.01 41.75
N ILE A 167 9.11 2.90 40.76
CA ILE A 167 8.17 2.66 39.67
C ILE A 167 8.62 1.46 38.86
N TYR A 168 9.89 1.43 38.47
CA TYR A 168 10.33 0.34 37.60
C TYR A 168 10.28 -0.97 38.36
N GLN A 169 10.63 -0.92 39.64
CA GLN A 169 10.55 -2.12 40.46
C GLN A 169 9.11 -2.59 40.57
N HIS A 170 8.18 -1.65 40.81
CA HIS A 170 6.78 -2.05 40.87
C HIS A 170 6.39 -2.82 39.62
N LEU A 171 6.89 -2.40 38.46
CA LEU A 171 6.53 -3.11 37.24
C LEU A 171 7.30 -4.42 37.12
N TRP A 172 8.59 -4.39 37.51
CA TRP A 172 9.40 -5.60 37.43
C TRP A 172 8.75 -6.76 38.19
N ASP A 173 8.14 -6.45 39.33
CA ASP A 173 7.53 -7.50 40.14
C ASP A 173 6.34 -8.14 39.44
N ARG A 174 5.63 -7.39 38.59
CA ARG A 174 4.51 -7.92 37.83
C ARG A 174 4.95 -8.59 36.53
N GLN A 175 6.24 -8.85 36.38
CA GLN A 175 6.82 -9.44 35.17
C GLN A 175 6.77 -8.51 33.98
N ILE A 176 6.67 -7.20 34.22
CA ILE A 176 6.78 -6.20 33.17
C ILE A 176 8.21 -5.64 33.27
N HIS A 177 9.09 -6.19 32.45
CA HIS A 177 10.51 -5.87 32.46
C HIS A 177 10.76 -4.79 31.41
N LEU A 178 11.05 -3.57 31.87
CA LEU A 178 11.30 -2.43 31.00
C LEU A 178 12.79 -2.28 30.77
N GLY A 179 13.20 -2.27 29.50
CA GLY A 179 14.58 -2.02 29.16
C GLY A 179 14.92 -0.54 29.28
N GLN A 180 16.10 -0.18 28.75
CA GLN A 180 16.60 1.17 28.91
C GLN A 180 15.75 2.19 28.15
N SER A 181 15.38 1.86 26.92
CA SER A 181 14.71 2.85 26.10
C SER A 181 13.29 3.15 26.57
N PHE A 182 12.74 2.38 27.50
CA PHE A 182 11.43 2.70 28.07
C PHE A 182 11.53 3.40 29.43
N ARG A 183 12.74 3.71 29.90
CA ARG A 183 12.94 4.31 31.22
C ARG A 183 13.29 5.78 31.04
N TRP A 184 12.26 6.59 30.75
CA TRP A 184 12.41 8.03 30.56
C TRP A 184 12.35 8.81 31.86
N ILE A 185 11.64 8.29 32.86
CA ILE A 185 11.41 9.03 34.10
C ILE A 185 12.68 9.05 34.93
N GLU A 186 13.32 10.22 35.02
CA GLU A 186 14.52 10.38 35.83
C GLU A 186 14.20 10.83 37.25
N GLN A 187 13.15 11.61 37.46
CA GLN A 187 12.88 12.10 38.81
C GLN A 187 11.38 12.14 39.06
N VAL A 188 11.00 12.01 40.33
CA VAL A 188 9.58 11.90 40.69
C VAL A 188 9.32 12.67 41.97
N TRP A 189 8.27 13.50 41.94
CA TRP A 189 7.82 14.25 43.10
C TRP A 189 6.35 13.95 43.33
N LEU A 190 6.01 13.50 44.52
CA LEU A 190 4.64 13.18 44.87
C LEU A 190 4.01 14.33 45.62
N GLY A 191 2.72 14.55 45.34
CA GLY A 191 1.85 15.44 46.08
C GLY A 191 0.62 14.70 46.56
N GLU A 192 -0.45 15.46 46.75
CA GLU A 192 -1.72 14.87 47.20
C GLU A 192 -2.52 14.46 45.97
N GLY A 193 -2.55 13.16 45.68
CA GLY A 193 -3.23 12.65 44.50
C GLY A 193 -2.67 13.17 43.19
N GLU A 194 -1.45 13.68 43.19
CA GLU A 194 -0.82 14.22 41.98
C GLU A 194 0.65 13.89 42.00
N VAL A 195 1.25 13.82 40.82
CA VAL A 195 2.66 13.46 40.69
C VAL A 195 3.27 14.27 39.55
N LEU A 196 4.53 14.67 39.73
CA LEU A 196 5.30 15.40 38.74
C LEU A 196 6.57 14.63 38.45
N CYS A 197 6.73 14.19 37.21
CA CYS A 197 7.89 13.43 36.78
C CYS A 197 8.77 14.29 35.88
N GLN A 198 10.06 14.28 36.14
CA GLN A 198 11.05 14.77 35.19
C GLN A 198 11.53 13.62 34.34
N MET A 199 11.60 13.87 33.02
CA MET A 199 11.92 12.86 32.03
C MET A 199 13.08 13.33 31.14
N LYS A 200 13.96 12.38 30.83
CA LYS A 200 15.05 12.59 29.89
C LYS A 200 15.02 11.48 28.86
N VAL A 201 15.46 11.80 27.65
CA VAL A 201 15.45 10.87 26.52
C VAL A 201 16.52 9.81 26.79
N PRO A 202 16.14 8.53 26.84
CA PRO A 202 17.15 7.49 27.06
C PRO A 202 18.31 7.61 26.08
N LYS A 203 19.51 7.24 26.55
CA LYS A 203 20.70 7.29 25.72
C LYS A 203 20.65 6.31 24.56
N THR A 204 19.78 5.31 24.62
CA THR A 204 19.66 4.32 23.55
C THR A 204 18.74 4.75 22.41
N ILE A 205 18.00 5.86 22.58
CA ILE A 205 17.11 6.39 21.54
C ILE A 205 17.82 7.52 20.82
N LEU A 206 17.80 7.51 19.49
CA LEU A 206 18.49 8.55 18.74
C LEU A 206 17.70 9.22 17.64
N ASN A 207 16.51 8.73 17.28
CA ASN A 207 15.79 9.26 16.12
C ASN A 207 14.53 10.03 16.50
N THR A 208 14.43 10.50 17.75
CA THR A 208 13.20 11.17 18.20
C THR A 208 12.81 12.34 17.32
N THR A 209 13.67 12.77 16.39
CA THR A 209 13.36 13.92 15.56
C THR A 209 12.31 13.60 14.51
N LYS A 210 12.31 12.37 13.99
CA LYS A 210 11.34 11.99 12.98
C LYS A 210 9.99 11.59 13.59
N TYR A 211 9.96 11.30 14.89
CA TYR A 211 8.72 10.95 15.56
C TYR A 211 7.99 12.21 16.02
N GLN A 212 6.66 12.17 15.96
CA GLN A 212 5.87 13.15 16.69
C GLN A 212 6.06 12.96 18.20
N LEU A 213 5.70 11.79 18.70
CA LEU A 213 5.98 11.38 20.08
C LEU A 213 6.45 9.94 20.05
N HIS A 214 7.69 9.71 20.49
CA HIS A 214 8.25 8.38 20.47
C HIS A 214 7.35 7.44 21.28
N PRO A 215 7.13 6.21 20.80
CA PRO A 215 6.31 5.29 21.59
C PRO A 215 6.74 5.21 23.05
N THR A 216 8.05 5.19 23.32
CA THR A 216 8.54 5.04 24.69
C THR A 216 8.21 6.27 25.53
N LEU A 217 8.13 7.45 24.91
CA LEU A 217 7.74 8.64 25.67
C LEU A 217 6.28 8.58 26.09
N VAL A 218 5.40 8.19 25.17
CA VAL A 218 3.98 8.00 25.49
C VAL A 218 3.84 6.98 26.61
N ASP A 219 4.55 5.86 26.50
CA ASP A 219 4.47 4.86 27.55
C ASP A 219 4.92 5.42 28.88
N SER A 220 6.05 6.14 28.89
CA SER A 220 6.51 6.71 30.16
C SER A 220 5.42 7.57 30.78
N CYS A 221 4.71 8.35 29.95
CA CYS A 221 3.62 9.15 30.47
C CYS A 221 2.59 8.27 31.16
N PHE A 222 2.20 7.17 30.53
CA PHE A 222 1.27 6.26 31.21
C PHE A 222 1.89 5.65 32.47
N GLN A 223 3.22 5.47 32.50
CA GLN A 223 3.89 4.89 33.67
C GLN A 223 3.80 5.82 34.87
N SER A 224 3.67 7.13 34.62
CA SER A 224 3.61 8.05 35.75
C SER A 224 2.51 7.66 36.74
N ILE A 225 1.39 7.10 36.26
CA ILE A 225 0.30 6.82 37.19
C ILE A 225 0.71 5.79 38.21
N ILE A 226 1.67 4.93 37.89
CA ILE A 226 2.11 3.92 38.84
C ILE A 226 2.55 4.59 40.12
N ALA A 227 3.03 5.83 40.05
CA ALA A 227 3.55 6.53 41.23
C ALA A 227 2.46 6.91 42.22
N LEU A 228 1.19 6.81 41.83
CA LEU A 228 0.09 7.10 42.75
C LEU A 228 -0.50 5.83 43.37
N VAL A 229 0.06 4.66 43.08
CA VAL A 229 -0.49 3.40 43.55
C VAL A 229 0.61 2.50 44.12
N LEU A 230 1.73 3.11 44.51
CA LEU A 230 2.86 2.31 45.01
C LEU A 230 2.51 1.60 46.33
N ASP A 231 1.57 2.16 47.10
CA ASP A 231 1.27 1.63 48.43
C ASP A 231 0.31 0.44 48.41
N GLN A 232 -0.65 0.44 47.48
CA GLN A 232 -1.89 -0.32 47.65
C GLN A 232 -1.64 -1.79 47.96
N SER A 233 -2.59 -2.39 48.69
CA SER A 233 -2.63 -3.83 48.91
C SER A 233 -3.21 -4.49 47.66
N GLY A 234 -3.52 -5.77 47.76
CA GLY A 234 -4.14 -6.49 46.67
C GLY A 234 -3.27 -7.59 46.11
N ASN A 235 -3.64 -8.04 44.92
CA ASN A 235 -2.99 -9.16 44.24
C ASN A 235 -1.67 -8.68 43.65
N LYS A 236 -0.57 -9.21 44.15
CA LYS A 236 0.74 -8.76 43.69
C LYS A 236 1.03 -9.18 42.25
N ASN A 237 0.19 -10.02 41.65
CA ASN A 237 0.30 -10.36 40.24
C ASN A 237 -0.27 -9.28 39.32
N GLU A 238 -1.06 -8.35 39.85
CA GLU A 238 -1.84 -7.42 39.06
C GLU A 238 -1.27 -6.01 39.15
N THR A 239 -1.43 -5.26 38.06
CA THR A 239 -1.18 -3.83 38.05
C THR A 239 -2.24 -3.17 37.18
N PHE A 240 -2.29 -1.83 37.24
CA PHE A 240 -3.22 -1.08 36.40
C PHE A 240 -2.65 -1.01 34.99
N VAL A 241 -3.39 -1.54 34.01
CA VAL A 241 -2.95 -1.53 32.62
C VAL A 241 -3.80 -0.52 31.85
N PRO A 242 -3.21 0.25 30.94
CA PRO A 242 -3.99 1.23 30.18
C PRO A 242 -5.13 0.54 29.44
N PHE A 243 -6.31 1.08 29.60
CA PHE A 243 -7.50 0.42 29.09
C PHE A 243 -8.33 1.31 28.18
N SER A 244 -8.49 2.59 28.51
CA SER A 244 -9.27 3.48 27.65
C SER A 244 -8.80 4.91 27.85
N ILE A 245 -9.03 5.76 26.84
CA ILE A 245 -8.62 7.16 26.90
C ILE A 245 -9.73 8.01 26.28
N ASP A 246 -10.22 9.00 27.02
CA ASP A 246 -11.25 9.87 26.46
C ASP A 246 -10.66 10.77 25.37
N LYS A 247 -9.55 11.46 25.64
CA LYS A 247 -8.97 12.29 24.61
C LYS A 247 -7.46 12.46 24.80
N PHE A 248 -6.70 12.20 23.73
CA PHE A 248 -5.26 12.42 23.69
C PHE A 248 -4.95 13.48 22.65
N THR A 249 -4.34 14.58 23.06
CA THR A 249 -4.04 15.69 22.16
C THR A 249 -2.53 15.84 22.03
N PHE A 250 -2.08 15.82 20.78
CA PHE A 250 -0.70 16.13 20.42
C PHE A 250 -0.66 17.54 19.85
N TYR A 251 0.14 18.42 20.48
CA TYR A 251 0.26 19.81 20.07
C TYR A 251 1.47 20.02 19.16
N ASN A 252 2.67 19.67 19.62
CA ASN A 252 3.86 19.80 18.80
C ASN A 252 4.98 18.95 19.42
N SER A 253 5.91 18.53 18.57
CA SER A 253 7.03 17.71 19.04
C SER A 253 8.13 18.59 19.62
N SER A 254 8.81 18.07 20.63
CA SER A 254 9.82 18.81 21.37
C SER A 254 11.23 18.35 21.03
N ASP A 255 12.08 19.28 20.58
CA ASP A 255 13.51 19.03 20.48
C ASP A 255 14.15 18.79 21.84
N ASN A 256 13.43 19.00 22.93
CA ASN A 256 14.02 18.98 24.26
C ASN A 256 14.34 17.56 24.70
N ASP A 257 15.54 17.39 25.26
CA ASP A 257 15.91 16.16 25.94
C ASP A 257 15.32 16.04 27.34
N LEU A 258 14.79 17.13 27.89
CA LEU A 258 14.14 17.12 29.19
C LEU A 258 12.68 17.56 29.05
N LEU A 259 11.76 16.76 29.57
CA LEU A 259 10.35 17.11 29.58
C LEU A 259 9.79 16.93 30.98
N TRP A 260 8.63 17.55 31.23
CA TRP A 260 7.94 17.41 32.50
C TRP A 260 6.59 16.75 32.26
N CYS A 261 6.19 15.87 33.16
CA CYS A 261 4.93 15.15 33.06
C CYS A 261 4.16 15.29 34.37
N TYR A 262 3.02 15.96 34.32
CA TYR A 262 2.17 16.17 35.48
C TYR A 262 0.93 15.30 35.36
N THR A 263 0.63 14.54 36.41
CA THR A 263 -0.46 13.59 36.41
C THR A 263 -1.28 13.78 37.67
N CYS A 264 -2.59 13.65 37.56
CA CYS A 264 -3.44 13.61 38.75
C CYS A 264 -4.58 12.64 38.51
N GLY A 265 -5.05 12.03 39.58
CA GLY A 265 -6.06 11.00 39.44
C GLY A 265 -6.16 10.17 40.70
N SER A 266 -7.11 9.23 40.65
CA SER A 266 -7.35 8.35 41.78
C SER A 266 -8.14 7.13 41.32
N LYS A 267 -8.27 6.17 42.22
CA LYS A 267 -9.10 5.00 41.93
C LYS A 267 -10.57 5.37 41.96
N ASP A 268 -11.34 4.75 41.07
CA ASP A 268 -12.78 4.97 41.05
C ASP A 268 -13.40 4.64 42.41
N LYS A 269 -14.20 5.57 42.94
CA LYS A 269 -14.86 5.31 44.21
C LYS A 269 -15.73 4.06 44.16
N GLN A 270 -16.34 3.80 43.00
CA GLN A 270 -17.26 2.67 42.87
C GLN A 270 -16.52 1.35 42.70
N SER A 271 -15.49 1.33 41.85
CA SER A 271 -14.73 0.12 41.56
C SER A 271 -13.25 0.38 41.86
N GLY A 272 -12.70 -0.32 42.85
CA GLY A 272 -11.31 -0.17 43.21
C GLY A 272 -10.35 -0.79 42.21
N GLU A 273 -10.87 -1.14 41.04
CA GLU A 273 -10.05 -1.71 39.98
C GLU A 273 -9.83 -0.75 38.83
N LYS A 274 -10.46 0.42 38.85
CA LYS A 274 -10.27 1.43 37.83
C LYS A 274 -9.48 2.59 38.41
N PHE A 275 -8.43 2.99 37.71
CA PHE A 275 -7.68 4.19 38.06
C PHE A 275 -7.87 5.20 36.95
N LYS A 276 -8.36 6.39 37.30
CA LYS A 276 -8.67 7.45 36.36
C LYS A 276 -7.78 8.66 36.60
N ALA A 277 -7.27 9.24 35.53
CA ALA A 277 -6.24 10.27 35.62
C ALA A 277 -6.29 11.20 34.42
N ASP A 278 -5.81 12.42 34.65
CA ASP A 278 -5.46 13.36 33.59
C ASP A 278 -3.95 13.56 33.60
N ILE A 279 -3.38 13.70 32.41
CA ILE A 279 -1.94 13.80 32.24
C ILE A 279 -1.62 14.97 31.32
N GLN A 280 -0.49 15.63 31.61
CA GLN A 280 -0.02 16.79 30.87
C GLN A 280 1.49 16.66 30.69
N LEU A 281 1.92 16.49 29.45
CA LEU A 281 3.34 16.50 29.11
C LEU A 281 3.68 17.88 28.56
N PHE A 282 4.69 18.54 29.14
CA PHE A 282 5.02 19.88 28.70
C PHE A 282 6.53 20.13 28.72
N ASP A 283 6.89 21.25 28.10
CA ASP A 283 8.24 21.71 27.80
C ASP A 283 8.97 22.22 29.02
N GLN A 284 10.29 22.34 28.88
CA GLN A 284 11.11 22.98 29.89
C GLN A 284 10.66 24.42 30.12
N HIS A 285 10.20 25.08 29.07
CA HIS A 285 9.62 26.42 29.13
C HIS A 285 8.13 26.42 29.44
N GLY A 286 7.47 25.27 29.43
CA GLY A 286 6.05 25.21 29.72
C GLY A 286 5.15 25.08 28.52
N GLN A 287 5.71 25.04 27.31
CA GLN A 287 4.88 24.76 26.15
C GLN A 287 4.31 23.36 26.25
N LEU A 288 2.98 23.27 26.23
CA LEU A 288 2.32 21.98 26.33
C LEU A 288 2.62 21.13 25.11
N VAL A 289 3.22 19.97 25.33
CA VAL A 289 3.55 19.04 24.24
C VAL A 289 2.39 18.10 23.95
N ALA A 290 1.76 17.55 24.98
CA ALA A 290 0.68 16.59 24.80
C ALA A 290 -0.16 16.59 26.06
N GLN A 291 -1.42 16.17 25.91
CA GLN A 291 -2.35 16.17 27.02
C GLN A 291 -3.28 14.97 26.93
N VAL A 292 -3.59 14.37 28.07
CA VAL A 292 -4.45 13.20 28.13
C VAL A 292 -5.56 13.48 29.12
N ILE A 293 -6.80 13.38 28.66
CA ILE A 293 -7.98 13.59 29.49
C ILE A 293 -8.73 12.27 29.56
N GLY A 294 -9.08 11.86 30.77
CA GLY A 294 -9.85 10.65 30.93
C GLY A 294 -9.08 9.37 30.68
N PHE A 295 -7.81 9.33 31.09
CA PHE A 295 -7.06 8.09 31.05
C PHE A 295 -7.62 7.13 32.10
N GLU A 296 -7.97 5.92 31.67
CA GLU A 296 -8.41 4.88 32.60
C GLU A 296 -7.55 3.64 32.41
N GLY A 297 -6.90 3.23 33.49
CA GLY A 297 -6.25 1.93 33.56
C GLY A 297 -7.07 1.01 34.45
N ARG A 298 -6.94 -0.28 34.23
CA ARG A 298 -7.69 -1.26 35.01
C ARG A 298 -6.75 -2.34 35.52
N LYS A 299 -6.97 -2.76 36.76
CA LYS A 299 -6.18 -3.83 37.36
C LYS A 299 -6.25 -5.06 36.48
N ALA A 300 -5.10 -5.69 36.24
CA ALA A 300 -5.08 -6.89 35.42
C ALA A 300 -3.76 -7.62 35.60
N ASN A 301 -3.79 -8.91 35.33
CA ASN A 301 -2.59 -9.71 35.27
C ASN A 301 -2.06 -9.67 33.84
N PRO A 302 -0.88 -9.10 33.59
CA PRO A 302 -0.42 -8.98 32.19
C PRO A 302 -0.36 -10.31 31.48
N LYS A 303 -0.20 -11.41 32.21
CA LYS A 303 -0.25 -12.72 31.58
C LYS A 303 -1.54 -12.91 30.81
N ILE A 304 -2.68 -12.51 31.40
CA ILE A 304 -3.96 -12.78 30.76
C ILE A 304 -4.17 -11.86 29.57
N LEU A 305 -3.62 -10.64 29.62
CA LEU A 305 -3.65 -9.79 28.44
C LEU A 305 -2.87 -10.42 27.30
N LEU A 306 -1.77 -11.12 27.60
CA LEU A 306 -0.92 -11.61 26.52
C LEU A 306 -1.49 -12.82 25.79
N MET A 307 -2.65 -13.32 26.20
CA MET A 307 -3.41 -14.35 25.47
C MET A 307 -4.14 -15.26 26.46
N THR B 6 13.14 -2.35 -4.38
CA THR B 6 11.90 -3.02 -3.99
C THR B 6 10.80 -2.79 -5.01
N LYS B 7 10.86 -3.54 -6.12
CA LYS B 7 9.87 -3.45 -7.17
C LYS B 7 9.36 -4.86 -7.45
N LEU B 8 8.06 -5.08 -7.23
CA LEU B 8 7.50 -6.42 -7.35
C LEU B 8 7.55 -6.93 -8.78
N HIS B 9 7.37 -6.04 -9.75
CA HIS B 9 7.28 -6.42 -11.15
C HIS B 9 7.50 -5.15 -11.97
N PRO B 10 8.20 -5.21 -13.10
CA PRO B 10 8.54 -3.98 -13.83
C PRO B 10 7.35 -3.06 -14.05
N LEU B 11 6.14 -3.61 -14.02
CA LEU B 11 4.92 -2.83 -14.19
C LEU B 11 4.21 -2.55 -12.88
N ILE B 12 4.71 -3.07 -11.76
CA ILE B 12 3.98 -3.02 -10.49
C ILE B 12 4.96 -2.65 -9.40
N ASN B 13 4.75 -1.50 -8.77
CA ASN B 13 5.60 -1.07 -7.68
C ASN B 13 5.21 -1.71 -6.36
N GLN B 14 3.91 -1.72 -6.04
CA GLN B 14 3.49 -2.27 -4.76
C GLN B 14 2.18 -3.02 -4.91
N LYS B 15 1.95 -3.96 -3.99
CA LYS B 15 0.68 -4.67 -3.86
C LYS B 15 0.12 -4.40 -2.47
N PHE B 16 -1.19 -4.24 -2.38
CA PHE B 16 -1.83 -4.00 -1.10
C PHE B 16 -3.11 -4.82 -0.96
N GLN B 17 -3.25 -5.47 0.19
CA GLN B 17 -4.51 -6.07 0.59
C GLN B 17 -4.61 -6.04 2.10
N SER B 18 -5.84 -6.17 2.61
CA SER B 18 -6.13 -6.01 4.02
C SER B 18 -7.34 -6.83 4.43
N PRO B 19 -7.31 -7.44 5.62
CA PRO B 19 -8.51 -8.12 6.12
C PRO B 19 -9.73 -7.22 6.14
N LEU B 20 -9.52 -5.91 6.14
CA LEU B 20 -10.62 -4.94 6.16
C LEU B 20 -10.91 -4.36 4.79
N SER B 21 -10.39 -4.99 3.73
CA SER B 21 -10.66 -4.58 2.35
C SER B 21 -10.92 -5.84 1.54
N LYS B 22 -12.04 -5.88 0.83
CA LYS B 22 -12.32 -7.05 0.00
C LYS B 22 -11.54 -7.04 -1.29
N GLU B 23 -11.11 -5.88 -1.75
CA GLU B 23 -10.38 -5.77 -3.01
C GLU B 23 -8.89 -6.00 -2.80
N ILE B 24 -8.22 -6.41 -3.86
CA ILE B 24 -6.78 -6.46 -3.93
C ILE B 24 -6.32 -5.35 -4.85
N PHE B 25 -5.29 -4.62 -4.44
CA PHE B 25 -4.82 -3.46 -5.17
C PHE B 25 -3.40 -3.68 -5.64
N PHE B 26 -3.13 -3.27 -6.86
CA PHE B 26 -1.76 -3.18 -7.37
C PHE B 26 -1.50 -1.76 -7.83
N GLU B 27 -0.33 -1.24 -7.49
CA GLU B 27 -0.02 0.16 -7.72
C GLU B 27 1.29 0.26 -8.49
N SER B 28 1.29 1.17 -9.46
CA SER B 28 2.32 1.28 -10.47
C SER B 28 2.43 2.75 -10.86
N TYR B 29 3.65 3.17 -11.20
CA TYR B 29 3.94 4.58 -11.50
C TYR B 29 4.36 4.71 -12.95
N PHE B 30 3.45 5.21 -13.78
CA PHE B 30 3.66 5.29 -15.23
C PHE B 30 4.26 6.64 -15.61
N SER B 31 5.43 6.60 -16.23
CA SER B 31 6.13 7.78 -16.71
C SER B 31 7.23 7.30 -17.65
N THR B 32 7.74 8.21 -18.48
CA THR B 32 8.75 7.81 -19.45
C THR B 32 10.05 7.38 -18.78
N GLU B 33 10.41 7.98 -17.65
CA GLU B 33 11.64 7.59 -16.97
C GLU B 33 11.50 6.21 -16.33
N ASN B 34 10.36 5.92 -15.72
CA ASN B 34 10.17 4.62 -15.08
C ASN B 34 9.98 3.51 -16.11
N LEU B 35 9.32 3.81 -17.23
CA LEU B 35 9.05 2.83 -18.28
C LEU B 35 9.59 3.40 -19.60
N PRO B 36 10.84 3.09 -19.95
CA PRO B 36 11.46 3.76 -21.10
C PRO B 36 10.72 3.53 -22.41
N PHE B 37 10.28 2.31 -22.68
CA PHE B 37 9.64 2.02 -23.97
C PHE B 37 8.36 2.82 -24.17
N LEU B 38 7.78 3.38 -23.11
CA LEU B 38 6.61 4.24 -23.29
C LEU B 38 6.90 5.41 -24.22
N ALA B 39 8.17 5.81 -24.34
CA ALA B 39 8.57 6.87 -25.26
C ALA B 39 8.52 6.44 -26.72
N ASP B 40 8.13 5.19 -27.00
CA ASP B 40 8.12 4.66 -28.36
C ASP B 40 6.71 4.54 -28.93
N PHE B 41 5.69 5.00 -28.22
CA PHE B 41 4.31 4.99 -28.67
C PHE B 41 3.83 6.44 -28.63
N ILE B 42 4.03 7.16 -29.73
CA ILE B 42 3.82 8.60 -29.79
C ILE B 42 2.60 8.88 -30.66
N VAL B 43 1.58 9.50 -30.07
CA VAL B 43 0.36 9.86 -30.78
C VAL B 43 0.22 11.38 -30.77
N TYR B 44 0.30 11.97 -31.96
CA TYR B 44 0.10 13.42 -32.15
C TYR B 44 0.80 14.24 -31.08
N GLU B 45 2.05 13.89 -30.81
CA GLU B 45 2.94 14.54 -29.85
C GLU B 45 2.64 14.13 -28.41
N GLN B 46 1.79 13.12 -28.19
CA GLN B 46 1.47 12.64 -26.85
C GLN B 46 1.86 11.18 -26.69
N VAL B 47 2.40 10.85 -25.53
CA VAL B 47 2.66 9.46 -25.16
C VAL B 47 1.34 8.82 -24.73
N VAL B 48 1.02 7.68 -25.33
CA VAL B 48 -0.23 6.97 -25.07
C VAL B 48 0.09 5.52 -24.72
N VAL B 49 -0.61 4.99 -23.72
CA VAL B 49 -0.50 3.59 -23.32
C VAL B 49 -1.61 2.80 -24.01
N PRO B 50 -1.29 1.86 -24.89
CA PRO B 50 -2.33 1.06 -25.55
C PRO B 50 -2.92 0.01 -24.61
N GLY B 51 -4.09 -0.49 -25.01
CA GLY B 51 -4.76 -1.50 -24.22
C GLY B 51 -3.89 -2.72 -23.94
N ALA B 52 -3.22 -3.22 -24.99
CA ALA B 52 -2.31 -4.35 -24.85
C ALA B 52 -1.43 -4.16 -23.62
N SER B 53 -0.98 -2.93 -23.39
CA SER B 53 -0.17 -2.64 -22.22
C SER B 53 -0.94 -2.97 -20.94
N HIS B 54 -2.20 -2.53 -20.85
CA HIS B 54 -3.01 -2.88 -19.70
C HIS B 54 -3.14 -4.39 -19.57
N ILE B 55 -3.15 -5.11 -20.69
CA ILE B 55 -3.19 -6.56 -20.64
C ILE B 55 -1.93 -7.09 -19.96
N SER B 56 -0.76 -6.62 -20.39
CA SER B 56 0.48 -7.05 -19.73
C SER B 56 0.46 -6.72 -18.24
N LEU B 57 -0.13 -5.58 -17.88
CA LEU B 57 -0.24 -5.23 -16.47
C LEU B 57 -1.09 -6.24 -15.71
N LEU B 58 -2.20 -6.68 -16.33
CA LEU B 58 -3.06 -7.65 -15.69
C LEU B 58 -2.37 -9.01 -15.59
N LEU B 59 -1.60 -9.40 -16.60
CA LEU B 59 -0.81 -10.62 -16.49
C LEU B 59 0.17 -10.53 -15.32
N ALA B 60 0.78 -9.36 -15.12
CA ALA B 60 1.64 -9.18 -13.95
C ALA B 60 0.85 -9.43 -12.66
N ALA B 61 -0.27 -8.75 -12.50
CA ALA B 61 -1.09 -8.96 -11.31
C ALA B 61 -1.41 -10.45 -11.12
N ALA B 62 -1.88 -11.10 -12.17
CA ALA B 62 -2.11 -12.54 -12.13
C ALA B 62 -0.91 -13.28 -11.56
N SER B 63 0.28 -13.00 -12.09
CA SER B 63 1.47 -13.70 -11.61
C SER B 63 1.76 -13.38 -10.15
N LEU B 64 1.24 -12.27 -9.63
CA LEU B 64 1.37 -11.96 -8.21
C LEU B 64 0.18 -12.39 -7.36
N THR B 65 -0.85 -12.99 -7.95
CA THR B 65 -2.01 -13.39 -7.15
C THR B 65 -2.37 -14.86 -7.25
N PHE B 66 -2.33 -15.45 -8.45
CA PHE B 66 -2.69 -16.85 -8.59
C PHE B 66 -1.51 -17.76 -8.27
N ALA B 67 -1.85 -19.00 -7.93
CA ALA B 67 -0.84 -20.04 -7.81
C ALA B 67 -0.51 -20.64 -9.17
N ALA B 68 -1.45 -20.62 -10.10
CA ALA B 68 -1.26 -21.15 -11.43
C ALA B 68 -0.60 -20.12 -12.33
N THR B 69 -0.08 -20.59 -13.46
CA THR B 69 0.63 -19.75 -14.41
C THR B 69 -0.22 -19.30 -15.59
N GLU B 70 -1.06 -20.19 -16.13
CA GLU B 70 -1.94 -19.83 -17.23
C GLU B 70 -3.17 -19.11 -16.69
N CYS B 71 -3.55 -18.01 -17.34
CA CYS B 71 -4.75 -17.29 -16.91
C CYS B 71 -5.41 -16.64 -18.10
N GLN B 72 -6.61 -16.12 -17.87
CA GLN B 72 -7.46 -15.58 -18.94
C GLN B 72 -8.23 -14.35 -18.47
N ILE B 73 -8.36 -13.39 -19.38
CA ILE B 73 -9.07 -12.14 -19.18
C ILE B 73 -10.27 -12.13 -20.12
N GLU B 74 -11.44 -11.85 -19.57
CA GLU B 74 -12.70 -12.00 -20.29
C GLU B 74 -13.51 -10.71 -20.21
N ASP B 75 -14.36 -10.50 -21.22
CA ASP B 75 -15.24 -9.34 -21.32
C ASP B 75 -14.47 -8.04 -21.05
N ILE B 76 -13.37 -7.87 -21.77
CA ILE B 76 -12.52 -6.70 -21.62
C ILE B 76 -13.13 -5.53 -22.38
N LEU B 77 -13.11 -4.36 -21.75
CA LEU B 77 -13.42 -3.09 -22.40
C LEU B 77 -12.32 -2.10 -22.11
N PHE B 78 -12.13 -1.15 -23.02
CA PHE B 78 -11.15 -0.07 -22.86
C PHE B 78 -11.92 1.25 -22.79
N PRO B 79 -12.47 1.58 -21.63
CA PRO B 79 -13.32 2.78 -21.55
C PRO B 79 -12.58 4.06 -21.90
N GLN B 80 -11.30 4.18 -21.52
CA GLN B 80 -10.60 5.45 -21.67
C GLN B 80 -9.11 5.21 -21.84
N ALA B 81 -8.52 5.83 -22.86
CA ALA B 81 -7.09 5.74 -23.09
C ALA B 81 -6.33 6.51 -22.02
N LEU B 82 -5.13 6.01 -21.71
CA LEU B 82 -4.26 6.62 -20.71
C LEU B 82 -3.20 7.46 -21.43
N ALA B 83 -3.15 8.76 -21.11
CA ALA B 83 -2.17 9.66 -21.66
C ALA B 83 -1.31 10.25 -20.55
N ILE B 84 -0.03 10.42 -20.82
CA ILE B 84 0.92 10.90 -19.82
C ILE B 84 1.56 12.20 -20.31
N PRO B 85 1.27 13.34 -19.68
CA PRO B 85 1.92 14.59 -20.09
C PRO B 85 3.44 14.48 -19.97
N GLU B 86 4.12 15.35 -20.71
CA GLU B 86 5.58 15.34 -20.74
C GLU B 86 6.15 15.56 -19.35
N GLN B 87 7.10 14.71 -18.96
CA GLN B 87 7.68 14.69 -17.62
C GLN B 87 6.63 14.49 -16.54
N GLY B 88 5.46 13.99 -16.92
CA GLY B 88 4.42 13.70 -15.96
C GLY B 88 4.47 12.26 -15.50
N VAL B 89 3.82 12.01 -14.37
CA VAL B 89 3.75 10.67 -13.79
C VAL B 89 2.32 10.41 -13.39
N ARG B 90 1.73 9.34 -13.93
CA ARG B 90 0.39 8.95 -13.57
C ARG B 90 0.45 7.71 -12.69
N THR B 91 -0.20 7.77 -11.55
CA THR B 91 -0.41 6.59 -10.73
C THR B 91 -1.46 5.71 -11.38
N VAL B 92 -1.13 4.44 -11.58
CA VAL B 92 -2.03 3.46 -12.20
C VAL B 92 -2.26 2.36 -11.19
N GLN B 93 -3.53 2.03 -10.97
CA GLN B 93 -3.90 0.97 -10.03
C GLN B 93 -4.75 -0.06 -10.73
N VAL B 94 -4.49 -1.33 -10.41
CA VAL B 94 -5.39 -2.42 -10.74
C VAL B 94 -6.17 -2.77 -9.48
N VAL B 95 -7.49 -2.80 -9.61
CA VAL B 95 -8.38 -3.07 -8.49
C VAL B 95 -9.13 -4.35 -8.80
N LEU B 96 -8.95 -5.36 -7.95
CA LEU B 96 -9.53 -6.69 -8.12
C LEU B 96 -10.59 -6.93 -7.05
N THR B 97 -11.83 -7.16 -7.49
CA THR B 97 -12.94 -7.53 -6.61
C THR B 97 -13.27 -9.00 -6.79
N PRO B 98 -13.22 -9.80 -5.73
CA PRO B 98 -13.54 -11.22 -5.85
C PRO B 98 -15.00 -11.45 -6.23
N GLN B 99 -15.20 -12.33 -7.21
CA GLN B 99 -16.51 -12.82 -7.60
C GLN B 99 -16.55 -14.33 -7.42
N ASN B 100 -17.46 -15.01 -8.10
CA ASN B 100 -17.50 -16.47 -8.07
C ASN B 100 -16.36 -16.99 -8.94
N ASN B 101 -15.28 -17.45 -8.31
CA ASN B 101 -14.15 -18.05 -9.02
C ASN B 101 -13.61 -17.14 -10.12
N SER B 102 -13.58 -15.84 -9.83
CA SER B 102 -13.06 -14.85 -10.78
C SER B 102 -12.85 -13.55 -10.03
N PHE B 103 -12.35 -12.54 -10.76
CA PHE B 103 -12.22 -11.18 -10.24
C PHE B 103 -12.77 -10.21 -11.28
N SER B 104 -13.66 -9.31 -10.85
CA SER B 104 -13.91 -8.12 -11.66
C SER B 104 -12.76 -7.16 -11.42
N PHE B 105 -12.23 -6.58 -12.49
CA PHE B 105 -11.09 -5.70 -12.34
C PHE B 105 -11.39 -4.37 -13.01
N GLN B 106 -10.83 -3.31 -12.41
CA GLN B 106 -10.74 -2.00 -13.03
C GLN B 106 -9.29 -1.55 -13.02
N VAL B 107 -8.78 -1.20 -14.19
CA VAL B 107 -7.49 -0.54 -14.34
C VAL B 107 -7.75 0.95 -14.48
N ILE B 108 -7.27 1.72 -13.51
CA ILE B 108 -7.53 3.15 -13.40
C ILE B 108 -6.21 3.89 -13.27
N SER B 109 -6.28 5.20 -13.45
CA SER B 109 -5.12 6.04 -13.22
C SER B 109 -5.56 7.43 -12.76
N PHE B 110 -4.62 8.17 -12.19
CA PHE B 110 -4.83 9.52 -11.69
C PHE B 110 -3.47 10.15 -11.44
N ASP B 111 -3.44 11.48 -11.41
CA ASP B 111 -2.20 12.22 -11.29
C ASP B 111 -1.91 12.51 -9.82
N ASP B 112 -0.76 12.02 -9.33
CA ASP B 112 -0.47 12.09 -7.91
C ASP B 112 -0.26 13.52 -7.43
N SER B 113 0.39 14.36 -8.24
CA SER B 113 0.65 15.73 -7.85
C SER B 113 -0.64 16.55 -7.91
N LEU B 114 -1.17 16.90 -6.74
CA LEU B 114 -2.42 17.65 -6.66
C LEU B 114 -2.15 19.09 -6.25
N SER B 129 -9.79 12.21 -6.14
CA SER B 129 -11.17 12.54 -6.49
C SER B 129 -11.35 12.57 -8.02
N ASP B 130 -10.31 13.03 -8.72
CA ASP B 130 -10.31 13.04 -10.18
C ASP B 130 -9.51 11.84 -10.66
N TRP B 131 -10.15 11.00 -11.46
CA TRP B 131 -9.52 9.75 -11.90
C TRP B 131 -10.20 9.26 -13.16
N ALA B 132 -9.58 8.26 -13.78
CA ALA B 132 -10.04 7.73 -15.06
C ALA B 132 -9.94 6.22 -15.05
N VAL B 133 -10.88 5.57 -15.73
CA VAL B 133 -10.90 4.13 -15.90
C VAL B 133 -10.37 3.80 -17.28
N HIS B 134 -9.35 2.95 -17.35
CA HIS B 134 -8.73 2.56 -18.61
C HIS B 134 -9.04 1.14 -19.02
N ALA B 135 -9.46 0.29 -18.10
CA ALA B 135 -9.90 -1.04 -18.51
C ALA B 135 -10.81 -1.64 -17.46
N THR B 136 -11.74 -2.48 -17.90
CA THR B 136 -12.63 -3.20 -16.99
C THR B 136 -12.76 -4.63 -17.51
N GLY B 137 -13.09 -5.55 -16.61
CA GLY B 137 -13.43 -6.87 -17.10
C GLY B 137 -13.35 -7.92 -16.01
N LYS B 138 -13.14 -9.16 -16.44
CA LYS B 138 -13.10 -10.31 -15.56
C LYS B 138 -11.78 -11.06 -15.76
N LEU B 139 -11.32 -11.71 -14.71
CA LEU B 139 -9.98 -12.30 -14.67
C LEU B 139 -10.05 -13.61 -13.90
N SER B 140 -9.59 -14.70 -14.51
CA SER B 140 -9.69 -16.01 -13.86
C SER B 140 -8.60 -16.93 -14.39
N VAL B 141 -8.41 -18.04 -13.67
CA VAL B 141 -7.43 -19.05 -14.07
C VAL B 141 -7.89 -19.76 -15.35
N ALA B 142 -6.92 -20.33 -16.06
CA ALA B 142 -7.20 -21.10 -17.27
C ALA B 142 -6.31 -22.35 -17.27
N ASN B 143 -6.51 -23.20 -18.29
CA ASN B 143 -5.76 -24.42 -18.44
C ASN B 143 -4.90 -24.38 -19.71
N ALA B 144 -3.89 -25.25 -19.75
CA ALA B 144 -3.01 -25.36 -20.90
C ALA B 144 -3.64 -26.22 -21.99
N GLU B 145 -3.32 -25.88 -23.24
CA GLU B 145 -3.86 -26.60 -24.39
C GLU B 145 -2.89 -26.56 -25.56
N PRO B 150 0.68 -26.43 -35.73
CA PRO B 150 1.83 -26.91 -36.49
C PRO B 150 2.46 -25.82 -37.34
N LEU B 151 3.78 -25.65 -37.22
CA LEU B 151 4.44 -24.51 -37.85
C LEU B 151 4.62 -24.68 -39.36
N GLU B 152 4.87 -25.91 -39.82
CA GLU B 152 5.08 -26.12 -41.26
C GLU B 152 3.75 -26.21 -41.99
N GLU B 153 2.74 -26.84 -41.38
CA GLU B 153 1.40 -26.78 -41.93
C GLU B 153 0.95 -25.33 -42.08
N ILE B 154 1.41 -24.47 -41.18
CA ILE B 154 1.04 -23.06 -41.22
C ILE B 154 1.89 -22.30 -42.24
N GLN B 155 3.18 -22.60 -42.29
CA GLN B 155 4.06 -21.96 -43.27
C GLN B 155 3.67 -22.26 -44.71
N ALA B 156 2.83 -23.27 -44.94
CA ALA B 156 2.37 -23.58 -46.28
C ALA B 156 1.15 -22.75 -46.69
N ARG B 157 0.22 -22.52 -45.75
CA ARG B 157 -0.94 -21.69 -46.06
C ARG B 157 -0.56 -20.22 -46.16
N CYS B 158 0.53 -19.81 -45.51
CA CYS B 158 1.00 -18.43 -45.49
C CYS B 158 2.37 -18.39 -46.15
N SER B 159 2.40 -18.00 -47.43
CA SER B 159 3.62 -18.03 -48.22
C SER B 159 3.95 -16.69 -48.89
N GLN B 160 3.13 -15.66 -48.71
CA GLN B 160 3.38 -14.36 -49.33
C GLN B 160 4.30 -13.54 -48.44
N LYS B 161 5.60 -13.61 -48.73
CA LYS B 161 6.56 -12.76 -48.03
C LYS B 161 6.28 -11.31 -48.35
N ILE B 162 6.25 -10.48 -47.30
CA ILE B 162 6.11 -9.03 -47.47
C ILE B 162 6.97 -8.34 -46.43
N ASP B 163 7.35 -7.11 -46.73
CA ASP B 163 8.29 -6.37 -45.90
C ASP B 163 7.59 -5.86 -44.64
N SER B 164 8.21 -6.08 -43.49
CA SER B 164 7.63 -5.60 -42.23
C SER B 164 7.43 -4.09 -42.25
N ALA B 165 8.17 -3.37 -43.09
CA ALA B 165 8.04 -1.92 -43.13
C ALA B 165 6.63 -1.50 -43.55
N GLU B 166 5.97 -2.31 -44.37
CA GLU B 166 4.61 -1.95 -44.83
C GLU B 166 3.67 -1.73 -43.66
N ILE B 167 3.78 -2.55 -42.60
CA ILE B 167 2.94 -2.34 -41.43
C ILE B 167 3.36 -1.06 -40.71
N TYR B 168 4.66 -0.88 -40.48
CA TYR B 168 5.14 0.29 -39.77
C TYR B 168 4.96 1.55 -40.60
N GLN B 169 5.06 1.46 -41.92
CA GLN B 169 4.74 2.61 -42.78
C GLN B 169 3.25 2.92 -42.73
N HIS B 170 2.42 1.89 -42.91
CA HIS B 170 0.97 2.04 -42.82
C HIS B 170 0.56 2.73 -41.52
N LEU B 171 1.24 2.39 -40.43
CA LEU B 171 0.95 3.03 -39.14
C LEU B 171 1.54 4.44 -39.09
N TRP B 172 2.74 4.61 -39.66
CA TRP B 172 3.38 5.91 -39.71
C TRP B 172 2.44 6.94 -40.33
N ASP B 173 1.69 6.53 -41.35
CA ASP B 173 0.78 7.46 -42.03
C ASP B 173 -0.37 7.91 -41.12
N ARG B 174 -0.80 7.06 -40.19
CA ARG B 174 -1.86 7.44 -39.26
C ARG B 174 -1.34 8.22 -38.06
N GLN B 175 -0.08 8.65 -38.09
CA GLN B 175 0.54 9.38 -36.98
C GLN B 175 0.72 8.52 -35.74
N ILE B 176 0.72 7.20 -35.90
CA ILE B 176 1.03 6.27 -34.82
C ILE B 176 2.45 5.79 -35.05
N HIS B 177 3.40 6.45 -34.38
CA HIS B 177 4.82 6.23 -34.61
C HIS B 177 5.39 5.29 -33.54
N LEU B 178 5.74 4.07 -33.95
CA LEU B 178 6.35 3.10 -33.06
C LEU B 178 7.87 3.20 -33.15
N GLY B 179 8.53 3.36 -32.01
CA GLY B 179 9.96 3.43 -31.95
C GLY B 179 10.64 2.08 -32.16
N GLN B 180 11.93 2.06 -31.84
CA GLN B 180 12.74 0.87 -32.11
C GLN B 180 12.29 -0.32 -31.28
N SER B 181 11.98 -0.10 -30.00
CA SER B 181 11.60 -1.18 -29.10
C SER B 181 10.20 -1.73 -29.39
N PHE B 182 9.43 -1.07 -30.25
CA PHE B 182 8.12 -1.56 -30.66
C PHE B 182 8.15 -2.29 -32.00
N ARG B 183 9.34 -2.49 -32.57
CA ARG B 183 9.46 -3.12 -33.89
C ARG B 183 9.91 -4.56 -33.68
N TRP B 184 8.95 -5.40 -33.27
CA TRP B 184 9.21 -6.81 -33.04
C TRP B 184 9.08 -7.63 -34.32
N ILE B 185 8.23 -7.18 -35.24
CA ILE B 185 7.95 -7.95 -36.46
C ILE B 185 9.16 -7.84 -37.38
N GLU B 186 9.92 -8.92 -37.51
CA GLU B 186 11.08 -8.93 -38.39
C GLU B 186 10.75 -9.42 -39.79
N GLN B 187 9.79 -10.35 -39.92
CA GLN B 187 9.40 -10.92 -41.20
C GLN B 187 7.89 -11.16 -41.19
N VAL B 188 7.30 -11.14 -42.38
CA VAL B 188 5.85 -11.26 -42.53
C VAL B 188 5.55 -12.13 -43.73
N TRP B 189 4.67 -13.12 -43.55
CA TRP B 189 4.15 -13.96 -44.63
C TRP B 189 2.63 -13.87 -44.59
N LEU B 190 2.04 -13.46 -45.70
CA LEU B 190 0.60 -13.29 -45.81
C LEU B 190 -0.05 -14.48 -46.49
N GLY B 191 -1.24 -14.83 -46.03
CA GLY B 191 -2.10 -15.81 -46.66
C GLY B 191 -3.46 -15.22 -46.95
N GLU B 192 -4.46 -16.10 -46.97
CA GLU B 192 -5.85 -15.70 -47.20
C GLU B 192 -6.48 -15.35 -45.87
N GLY B 193 -6.63 -14.05 -45.60
CA GLY B 193 -7.15 -13.63 -44.32
C GLY B 193 -6.32 -14.08 -43.15
N GLU B 194 -5.05 -14.42 -43.40
CA GLU B 194 -4.15 -14.94 -42.39
C GLU B 194 -2.77 -14.35 -42.58
N VAL B 195 -2.01 -14.28 -41.50
CA VAL B 195 -0.65 -13.74 -41.53
C VAL B 195 0.21 -14.52 -40.54
N LEU B 196 1.47 -14.75 -40.91
CA LEU B 196 2.46 -15.36 -40.03
C LEU B 196 3.63 -14.40 -39.94
N CYS B 197 3.87 -13.85 -38.75
CA CYS B 197 4.92 -12.87 -38.53
C CYS B 197 6.06 -13.52 -37.74
N GLN B 198 7.28 -13.30 -38.20
CA GLN B 198 8.46 -13.61 -37.41
C GLN B 198 8.86 -12.38 -36.62
N MET B 199 9.09 -12.56 -35.32
CA MET B 199 9.36 -11.45 -34.42
C MET B 199 10.61 -11.74 -33.60
N LYS B 200 11.43 -10.71 -33.42
CA LYS B 200 12.61 -10.78 -32.57
C LYS B 200 12.62 -9.57 -31.65
N VAL B 201 13.24 -9.74 -30.48
CA VAL B 201 13.26 -8.70 -29.46
C VAL B 201 14.11 -7.53 -29.94
N PRO B 202 13.54 -6.32 -30.02
CA PRO B 202 14.31 -5.15 -30.45
C PRO B 202 15.60 -5.02 -29.64
N LYS B 203 16.61 -4.39 -30.26
CA LYS B 203 17.90 -4.24 -29.60
C LYS B 203 17.80 -3.45 -28.31
N THR B 204 16.72 -2.70 -28.11
CA THR B 204 16.59 -1.88 -26.91
C THR B 204 16.03 -2.64 -25.71
N ILE B 205 15.51 -3.84 -25.90
CA ILE B 205 14.95 -4.63 -24.80
C ILE B 205 15.94 -5.69 -24.37
N LEU B 206 16.20 -5.76 -23.07
CA LEU B 206 17.07 -6.76 -22.47
C LEU B 206 16.46 -7.44 -21.26
N ASN B 207 15.32 -6.95 -20.77
CA ASN B 207 14.72 -7.40 -19.52
C ASN B 207 13.44 -8.21 -19.73
N THR B 208 13.21 -8.71 -20.94
CA THR B 208 11.97 -9.43 -21.25
C THR B 208 11.77 -10.66 -20.37
N THR B 209 12.78 -11.10 -19.62
CA THR B 209 12.65 -12.34 -18.86
C THR B 209 11.72 -12.18 -17.66
N LYS B 210 11.70 -11.00 -17.04
CA LYS B 210 10.86 -10.78 -15.86
C LYS B 210 9.41 -10.51 -16.22
N TYR B 211 9.11 -10.18 -17.48
CA TYR B 211 7.73 -9.96 -17.89
C TYR B 211 7.06 -11.28 -18.22
N GLN B 212 5.76 -11.37 -17.89
CA GLN B 212 4.94 -12.44 -18.44
C GLN B 212 4.83 -12.28 -19.96
N LEU B 213 4.29 -11.15 -20.39
CA LEU B 213 4.30 -10.76 -21.80
C LEU B 213 4.66 -9.29 -21.87
N HIS B 214 5.79 -8.97 -22.48
CA HIS B 214 6.22 -7.58 -22.54
C HIS B 214 5.14 -6.76 -23.24
N PRO B 215 4.80 -5.58 -22.71
CA PRO B 215 3.74 -4.77 -23.35
C PRO B 215 3.92 -4.60 -24.85
N THR B 216 5.14 -4.34 -25.32
CA THR B 216 5.34 -4.06 -26.73
C THR B 216 5.10 -5.31 -27.59
N LEU B 217 5.34 -6.50 -27.05
CA LEU B 217 5.04 -7.71 -27.80
C LEU B 217 3.54 -7.92 -27.91
N VAL B 218 2.81 -7.70 -26.82
CA VAL B 218 1.35 -7.77 -26.86
C VAL B 218 0.80 -6.81 -27.90
N ASP B 219 1.32 -5.58 -27.92
CA ASP B 219 0.86 -4.61 -28.89
C ASP B 219 1.18 -5.07 -30.32
N SER B 220 2.39 -5.59 -30.54
CA SER B 220 2.77 -6.08 -31.86
C SER B 220 1.79 -7.13 -32.36
N CYS B 221 1.34 -8.02 -31.47
CA CYS B 221 0.36 -9.03 -31.86
C CYS B 221 -0.89 -8.36 -32.42
N PHE B 222 -1.39 -7.33 -31.72
CA PHE B 222 -2.49 -6.55 -32.27
C PHE B 222 -2.08 -5.86 -33.57
N GLN B 223 -0.79 -5.55 -33.71
CA GLN B 223 -0.31 -4.97 -34.95
C GLN B 223 -0.43 -5.94 -36.12
N SER B 224 -0.38 -7.24 -35.83
CA SER B 224 -0.44 -8.25 -36.89
C SER B 224 -1.69 -8.10 -37.75
N ILE B 225 -2.81 -7.65 -37.17
CA ILE B 225 -4.05 -7.59 -37.94
C ILE B 225 -3.97 -6.55 -39.05
N ILE B 226 -3.13 -5.52 -38.88
CA ILE B 226 -3.01 -4.49 -39.91
C ILE B 226 -2.57 -5.08 -41.24
N ALA B 227 -1.82 -6.18 -41.21
CA ALA B 227 -1.36 -6.77 -42.46
C ALA B 227 -2.51 -7.35 -43.27
N LEU B 228 -3.70 -7.45 -42.68
CA LEU B 228 -4.91 -7.87 -43.37
C LEU B 228 -5.79 -6.69 -43.77
N VAL B 229 -5.36 -5.46 -43.49
CA VAL B 229 -6.19 -4.28 -43.73
C VAL B 229 -5.40 -3.16 -44.42
N LEU B 230 -4.36 -3.53 -45.16
CA LEU B 230 -3.49 -2.53 -45.79
C LEU B 230 -4.22 -1.67 -46.82
N ASP B 231 -5.54 -1.56 -46.71
CA ASP B 231 -6.32 -0.82 -47.69
C ASP B 231 -6.29 0.68 -47.39
N ASN B 235 -10.01 6.27 -46.05
CA ASN B 235 -9.49 7.41 -45.29
C ASN B 235 -8.26 7.01 -44.48
N LYS B 236 -7.10 7.54 -44.88
CA LYS B 236 -5.84 7.25 -44.21
C LYS B 236 -5.72 7.87 -42.83
N ASN B 237 -6.66 8.73 -42.41
CA ASN B 237 -6.54 9.35 -41.11
C ASN B 237 -6.85 8.41 -39.96
N GLU B 238 -7.65 7.36 -40.19
CA GLU B 238 -8.11 6.50 -39.12
C GLU B 238 -7.54 5.10 -39.26
N THR B 239 -7.39 4.42 -38.13
CA THR B 239 -7.03 3.02 -38.08
C THR B 239 -7.87 2.33 -37.02
N PHE B 240 -7.75 1.00 -36.97
CA PHE B 240 -8.52 0.21 -36.01
C PHE B 240 -7.94 0.36 -34.61
N VAL B 241 -8.78 0.80 -33.68
CA VAL B 241 -8.36 0.98 -32.29
C VAL B 241 -8.93 -0.17 -31.45
N PRO B 242 -8.13 -0.77 -30.57
CA PRO B 242 -8.64 -1.87 -29.74
C PRO B 242 -9.83 -1.42 -28.91
N PHE B 243 -10.90 -2.22 -28.93
CA PHE B 243 -12.13 -1.86 -28.26
C PHE B 243 -12.61 -2.90 -27.27
N SER B 244 -12.55 -4.18 -27.62
CA SER B 244 -12.99 -5.24 -26.71
C SER B 244 -12.30 -6.53 -27.07
N ILE B 245 -12.24 -7.43 -26.09
CA ILE B 245 -11.62 -8.75 -26.25
C ILE B 245 -12.48 -9.77 -25.53
N ASP B 246 -12.88 -10.83 -26.24
CA ASP B 246 -13.70 -11.85 -25.62
C ASP B 246 -12.92 -12.63 -24.57
N LYS B 247 -11.74 -13.15 -24.95
CA LYS B 247 -10.90 -13.84 -23.99
C LYS B 247 -9.45 -13.78 -24.44
N PHE B 248 -8.57 -13.40 -23.52
CA PHE B 248 -7.13 -13.39 -23.72
C PHE B 248 -6.50 -14.39 -22.76
N THR B 249 -5.78 -15.38 -23.29
CA THR B 249 -5.19 -16.43 -22.47
C THR B 249 -3.67 -16.35 -22.57
N PHE B 250 -3.02 -16.25 -21.41
CA PHE B 250 -1.57 -16.34 -21.28
C PHE B 250 -1.22 -17.70 -20.71
N TYR B 251 -0.45 -18.48 -21.46
CA TYR B 251 -0.04 -19.83 -21.05
C TYR B 251 1.34 -19.85 -20.39
N ASN B 252 2.37 -19.42 -21.12
CA ASN B 252 3.71 -19.39 -20.56
C ASN B 252 4.59 -18.49 -21.43
N SER B 253 5.61 -17.92 -20.82
CA SER B 253 6.54 -17.07 -21.53
C SER B 253 7.62 -17.90 -22.20
N SER B 254 8.09 -17.42 -23.33
CA SER B 254 9.13 -18.11 -24.11
C SER B 254 10.44 -17.38 -23.87
N ASP B 255 11.44 -18.12 -23.37
CA ASP B 255 12.77 -17.56 -23.26
C ASP B 255 13.34 -17.17 -24.62
N ASN B 256 12.62 -17.46 -25.70
CA ASN B 256 13.11 -17.26 -27.04
C ASN B 256 13.13 -15.78 -27.38
N ASP B 257 14.24 -15.31 -27.96
CA ASP B 257 14.26 -13.99 -28.56
C ASP B 257 13.58 -13.98 -29.93
N LEU B 258 13.31 -15.15 -30.49
CA LEU B 258 12.56 -15.29 -31.74
C LEU B 258 11.30 -16.07 -31.41
N LEU B 259 10.14 -15.49 -31.74
CA LEU B 259 8.85 -16.13 -31.56
C LEU B 259 8.07 -16.03 -32.86
N TRP B 260 6.98 -16.78 -32.94
CA TRP B 260 6.12 -16.78 -34.11
C TRP B 260 4.75 -16.19 -33.75
N CYS B 261 4.19 -15.45 -34.70
CA CYS B 261 2.93 -14.76 -34.52
C CYS B 261 1.99 -15.21 -35.62
N TYR B 262 0.95 -15.93 -35.24
CA TYR B 262 -0.07 -16.41 -36.17
C TYR B 262 -1.33 -15.62 -35.92
N THR B 263 -1.86 -15.00 -36.98
CA THR B 263 -3.03 -14.13 -36.85
C THR B 263 -4.03 -14.47 -37.95
N CYS B 264 -5.31 -14.46 -37.59
CA CYS B 264 -6.39 -14.61 -38.54
C CYS B 264 -7.58 -13.77 -38.10
N GLY B 265 -8.34 -13.30 -39.07
CA GLY B 265 -9.47 -12.44 -38.80
C GLY B 265 -9.90 -11.72 -40.05
N SER B 266 -10.97 -10.96 -39.92
CA SER B 266 -11.49 -10.19 -41.05
C SER B 266 -12.40 -9.09 -40.51
N LYS B 267 -12.77 -8.19 -41.41
CA LYS B 267 -13.71 -7.13 -41.06
C LYS B 267 -15.10 -7.73 -40.87
N ASP B 268 -15.85 -7.16 -39.93
CA ASP B 268 -17.21 -7.62 -39.71
C ASP B 268 -17.97 -7.58 -41.03
N LYS B 269 -18.58 -8.71 -41.37
CA LYS B 269 -19.28 -8.84 -42.64
C LYS B 269 -20.34 -7.77 -42.82
N GLN B 270 -21.01 -7.38 -41.73
CA GLN B 270 -22.12 -6.44 -41.82
C GLN B 270 -21.62 -5.00 -41.93
N SER B 271 -20.66 -4.62 -41.09
CA SER B 271 -20.14 -3.26 -41.04
C SER B 271 -18.63 -3.28 -41.20
N GLY B 272 -18.14 -2.62 -42.24
CA GLY B 272 -16.71 -2.56 -42.52
C GLY B 272 -15.93 -1.73 -41.52
N GLU B 273 -16.51 -1.46 -40.34
CA GLU B 273 -15.85 -0.68 -39.31
C GLU B 273 -15.38 -1.49 -38.11
N LYS B 274 -15.79 -2.75 -37.99
CA LYS B 274 -15.34 -3.64 -36.93
C LYS B 274 -14.47 -4.74 -37.53
N PHE B 275 -13.28 -4.95 -36.97
CA PHE B 275 -12.41 -6.04 -37.37
C PHE B 275 -12.27 -7.03 -36.22
N LYS B 276 -12.59 -8.29 -36.49
CA LYS B 276 -12.59 -9.34 -35.48
C LYS B 276 -11.55 -10.39 -35.85
N ALA B 277 -10.75 -10.82 -34.88
CA ALA B 277 -9.60 -11.66 -35.17
C ALA B 277 -9.24 -12.52 -33.97
N ASP B 278 -8.63 -13.67 -34.25
CA ASP B 278 -7.95 -14.52 -33.29
C ASP B 278 -6.47 -14.56 -33.61
N ILE B 279 -5.65 -14.65 -32.56
CA ILE B 279 -4.19 -14.62 -32.71
C ILE B 279 -3.58 -15.78 -31.94
N GLN B 280 -2.45 -16.28 -32.43
CA GLN B 280 -1.72 -17.37 -31.80
C GLN B 280 -0.24 -17.02 -31.80
N LEU B 281 0.30 -16.75 -30.62
CA LEU B 281 1.73 -16.58 -30.43
C LEU B 281 2.30 -17.89 -29.91
N PHE B 282 3.31 -18.41 -30.59
CA PHE B 282 3.85 -19.72 -30.23
C PHE B 282 5.36 -19.73 -30.42
N ASP B 283 5.98 -20.76 -29.86
CA ASP B 283 7.42 -20.94 -29.88
C ASP B 283 7.86 -21.47 -31.25
N GLN B 284 9.17 -21.33 -31.52
CA GLN B 284 9.74 -22.06 -32.64
C GLN B 284 9.55 -23.56 -32.47
N HIS B 285 9.47 -24.02 -31.23
CA HIS B 285 9.25 -25.44 -30.96
C HIS B 285 7.79 -25.84 -31.11
N GLY B 286 6.88 -24.88 -31.22
CA GLY B 286 5.46 -25.15 -31.37
C GLY B 286 4.67 -25.04 -30.09
N GLN B 287 5.34 -24.82 -28.96
CA GLN B 287 4.64 -24.59 -27.70
C GLN B 287 3.86 -23.29 -27.77
N LEU B 288 2.54 -23.38 -27.58
CA LEU B 288 1.69 -22.19 -27.60
C LEU B 288 1.98 -21.32 -26.39
N VAL B 289 2.40 -20.09 -26.62
CA VAL B 289 2.73 -19.16 -25.54
C VAL B 289 1.52 -18.34 -25.12
N ALA B 290 0.73 -17.86 -26.06
CA ALA B 290 -0.42 -17.01 -25.74
C ALA B 290 -1.42 -17.10 -26.88
N GLN B 291 -2.68 -16.83 -26.54
CA GLN B 291 -3.74 -16.95 -27.54
C GLN B 291 -4.83 -15.92 -27.24
N VAL B 292 -5.41 -15.35 -28.31
CA VAL B 292 -6.44 -14.33 -28.19
C VAL B 292 -7.65 -14.78 -29.00
N ILE B 293 -8.81 -14.87 -28.35
CA ILE B 293 -10.06 -15.27 -28.99
C ILE B 293 -11.03 -14.10 -28.89
N GLY B 294 -11.65 -13.75 -30.01
CA GLY B 294 -12.64 -12.70 -30.04
C GLY B 294 -12.07 -11.30 -29.90
N PHE B 295 -10.89 -11.05 -30.46
CA PHE B 295 -10.38 -9.69 -30.49
C PHE B 295 -11.22 -8.85 -31.44
N GLU B 296 -11.73 -7.72 -30.95
CA GLU B 296 -12.49 -6.82 -31.79
C GLU B 296 -11.89 -5.43 -31.71
N GLY B 297 -11.44 -4.91 -32.85
CA GLY B 297 -11.03 -3.54 -32.97
C GLY B 297 -12.00 -2.71 -33.79
N ARG B 298 -12.04 -1.41 -33.56
CA ARG B 298 -12.94 -0.51 -34.27
C ARG B 298 -12.15 0.67 -34.82
N LYS B 299 -12.45 1.05 -36.06
CA LYS B 299 -11.83 2.23 -36.64
C LYS B 299 -12.15 3.46 -35.81
N ALA B 300 -11.15 4.30 -35.62
CA ALA B 300 -11.32 5.53 -34.85
C ALA B 300 -10.19 6.47 -35.21
N ASN B 301 -10.43 7.76 -35.01
CA ASN B 301 -9.42 8.77 -35.23
C ASN B 301 -8.62 8.98 -33.95
N PRO B 302 -7.32 8.71 -33.95
CA PRO B 302 -6.54 8.80 -32.69
C PRO B 302 -6.67 10.17 -32.03
N LYS B 303 -6.99 11.21 -32.80
CA LYS B 303 -7.23 12.53 -32.24
C LYS B 303 -8.32 12.48 -31.16
N ILE B 304 -9.37 11.71 -31.41
CA ILE B 304 -10.51 11.67 -30.48
C ILE B 304 -10.17 10.88 -29.22
N LEU B 305 -9.26 9.90 -29.33
CA LEU B 305 -8.85 9.14 -28.16
C LEU B 305 -8.17 10.00 -27.11
N LEU B 306 -7.36 10.97 -27.54
CA LEU B 306 -6.50 11.70 -26.62
C LEU B 306 -7.21 12.77 -25.81
N MET B 307 -8.51 12.97 -26.01
CA MET B 307 -9.36 13.85 -25.21
C MET B 307 -10.46 14.45 -26.07
OAB 7OD C . 0.99 -5.16 29.85
CAA 7OD C . 0.52 -4.62 28.82
OAI 7OD C . -0.01 -5.33 27.94
CAC 7OD C . 0.59 -3.10 28.65
CAK 7OD C . 0.02 -2.45 27.38
CAD 7OD C . 1.24 -2.23 29.74
CAE 7OD C . 1.27 -0.71 29.52
CAF 7OD C . 1.80 0.14 30.71
OAH 7OD C . 3.12 0.58 30.42
CAG 7OD C . 1.81 -0.60 32.05
CAJ 7OD C . 1.97 0.44 33.17
HAM 7OD C . 0.57 -1.55 27.15
HAN 7OD C . -1.04 -2.21 27.54
HAO 7OD C . 0.09 -3.14 26.55
HAD 7OD C . 1.65 -2.67 30.64
HAF 7OD C . 1.90 -0.49 28.66
HAE 7OD C . 0.27 -0.38 29.31
HAG 7OD C . 1.16 1.02 30.80
HAP 7OD C . 3.13 1.11 29.57
HAH 7OD C . 0.87 -1.13 32.18
HAI 7OD C . 2.63 -1.32 32.08
HAK 7OD C . 1.14 1.13 33.13
HAL 7OD C . 2.90 0.97 33.04
HAJ 7OD C . 1.97 -0.07 34.13
#